data_8OYS
#
_entry.id   8OYS
#
_cell.length_a   36.629
_cell.length_b   44.407
_cell.length_c   125.459
_cell.angle_alpha   90.000
_cell.angle_beta   90.000
_cell.angle_gamma   90.000
#
_symmetry.space_group_name_H-M   'P 21 21 21'
#
loop_
_entity.id
_entity.type
_entity.pdbx_description
1 polymer 'De novo designed TIM-barrel'
2 non-polymer 'CHLORIDE ION'
3 water water
#
_entity_poly.entity_id   1
_entity_poly.type   'polypeptide(L)'
_entity_poly.pdbx_seq_one_letter_code
;MSTIEELIKAAKELKSLGIENIIIEVKSAEDAKKIAAEGFEKILVSGPKTEEGIAMAAAAKAAGAKNIIVTARTAEEALA
ALATPGVTGVLLTTTAEEAPAALATLKAAGYTNVIFRGPSIEEVKKMIEYGAEKVLISSKDDEEAIKAAAELKAKGVKNI
IVATRDIEAAKKAYEAGASSILLVPDGSWG
;
_entity_poly.pdbx_strand_id   A
#
loop_
_chem_comp.id
_chem_comp.type
_chem_comp.name
_chem_comp.formula
CL non-polymer 'CHLORIDE ION' 'Cl -1'
#
# COMPACT_ATOMS: atom_id res chain seq x y z
C MET A 1 -3.92 -4.63 -18.34
N SER A 2 -3.26 -5.12 -17.31
CA SER A 2 -3.12 -6.57 -17.13
C SER A 2 -4.30 -7.12 -16.35
N THR A 3 -4.49 -8.43 -16.46
CA THR A 3 -5.62 -9.10 -15.86
C THR A 3 -5.23 -9.62 -14.49
N ILE A 4 -6.24 -10.04 -13.71
CA ILE A 4 -5.98 -10.54 -12.37
C ILE A 4 -5.19 -11.85 -12.39
N GLU A 5 -5.47 -12.73 -13.37
CA GLU A 5 -4.67 -13.95 -13.45
C GLU A 5 -3.20 -13.65 -13.69
N GLU A 6 -2.91 -12.67 -14.56
CA GLU A 6 -1.52 -12.29 -14.81
C GLU A 6 -0.86 -11.77 -13.54
N LEU A 7 -1.59 -10.97 -12.75
CA LEU A 7 -1.05 -10.45 -11.51
C LEU A 7 -0.81 -11.56 -10.49
N ILE A 8 -1.73 -12.51 -10.40
CA ILE A 8 -1.55 -13.65 -9.50
C ILE A 8 -0.30 -14.44 -9.88
N LYS A 9 -0.14 -14.72 -11.18
CA LYS A 9 1.05 -15.44 -11.63
C LYS A 9 2.33 -14.71 -11.25
N ALA A 10 2.36 -13.39 -11.45
CA ALA A 10 3.56 -12.63 -11.11
C ALA A 10 3.82 -12.65 -9.61
N ALA A 11 2.76 -12.52 -8.81
CA ALA A 11 2.93 -12.54 -7.36
C ALA A 11 3.42 -13.90 -6.87
N LYS A 12 2.89 -14.98 -7.45
CA LYS A 12 3.39 -16.30 -7.09
C LYS A 12 4.83 -16.49 -7.52
N GLU A 13 5.21 -15.91 -8.66
CA GLU A 13 6.59 -15.99 -9.09
C GLU A 13 7.50 -15.28 -8.09
N LEU A 14 7.12 -14.07 -7.68
CA LEU A 14 7.92 -13.37 -6.68
C LEU A 14 8.06 -14.22 -5.43
N LYS A 15 6.95 -14.78 -4.94
CA LYS A 15 7.02 -15.60 -3.72
CA LYS A 15 7.02 -15.60 -3.72
C LYS A 15 7.97 -16.78 -3.91
N SER A 16 7.95 -17.40 -5.10
CA SER A 16 8.82 -18.55 -5.34
C SER A 16 10.29 -18.15 -5.40
N LEU A 17 10.59 -16.89 -5.63
CA LEU A 17 11.95 -16.38 -5.61
C LEU A 17 12.40 -16.02 -4.20
N GLY A 18 11.51 -16.10 -3.21
CA GLY A 18 11.80 -15.69 -1.86
C GLY A 18 11.38 -14.28 -1.53
N ILE A 19 10.68 -13.61 -2.44
CA ILE A 19 10.22 -12.24 -2.28
C ILE A 19 8.81 -12.32 -1.73
N GLU A 20 8.70 -12.26 -0.39
CA GLU A 20 7.44 -12.48 0.28
C GLU A 20 6.81 -11.20 0.80
N ASN A 21 7.57 -10.10 0.80
CA ASN A 21 7.12 -8.82 1.36
C ASN A 21 6.35 -8.02 0.32
N ILE A 22 5.27 -8.63 -0.19
CA ILE A 22 4.46 -8.07 -1.26
C ILE A 22 3.07 -7.72 -0.75
N ILE A 23 2.48 -6.71 -1.38
CA ILE A 23 1.11 -6.27 -1.15
C ILE A 23 0.42 -6.27 -2.50
N ILE A 24 -0.75 -6.88 -2.58
CA ILE A 24 -1.49 -6.98 -3.82
C ILE A 24 -2.59 -5.92 -3.81
N GLU A 25 -2.60 -5.05 -4.81
CA GLU A 25 -3.68 -4.06 -4.92
C GLU A 25 -4.81 -4.59 -5.79
N VAL A 26 -6.04 -4.35 -5.33
CA VAL A 26 -7.25 -4.74 -6.03
C VAL A 26 -8.19 -3.54 -6.11
N LYS A 27 -9.03 -3.54 -7.15
CA LYS A 27 -9.92 -2.44 -7.45
C LYS A 27 -11.38 -2.85 -7.51
N SER A 28 -11.71 -4.09 -7.19
CA SER A 28 -13.10 -4.49 -7.14
C SER A 28 -13.29 -5.54 -6.06
N ALA A 29 -14.53 -5.70 -5.61
CA ALA A 29 -14.83 -6.68 -4.57
C ALA A 29 -14.57 -8.09 -5.08
N GLU A 30 -14.90 -8.36 -6.34
CA GLU A 30 -14.63 -9.69 -6.89
C GLU A 30 -13.13 -10.00 -6.88
N ASP A 31 -12.31 -9.01 -7.25
CA ASP A 31 -10.86 -9.23 -7.23
C ASP A 31 -10.35 -9.37 -5.80
N ALA A 32 -10.90 -8.60 -4.87
CA ALA A 32 -10.52 -8.74 -3.47
C ALA A 32 -10.80 -10.14 -2.96
N LYS A 33 -11.97 -10.70 -3.30
CA LYS A 33 -12.30 -12.05 -2.90
C LYS A 33 -11.31 -13.06 -3.50
N LYS A 34 -10.99 -12.89 -4.79
CA LYS A 34 -10.10 -13.84 -5.44
C LYS A 34 -8.69 -13.80 -4.83
N ILE A 35 -8.14 -12.60 -4.64
CA ILE A 35 -6.80 -12.49 -4.06
C ILE A 35 -6.80 -13.04 -2.64
N ALA A 36 -7.86 -12.79 -1.87
CA ALA A 36 -7.89 -13.33 -0.52
C ALA A 36 -8.00 -14.85 -0.53
N ALA A 37 -8.84 -15.40 -1.41
CA ALA A 37 -8.98 -16.85 -1.51
C ALA A 37 -7.68 -17.52 -1.93
N GLU A 38 -6.86 -16.84 -2.72
CA GLU A 38 -5.55 -17.33 -3.12
C GLU A 38 -4.55 -17.35 -1.98
N GLY A 39 -4.87 -16.73 -0.85
CA GLY A 39 -4.01 -16.80 0.31
C GLY A 39 -2.99 -15.68 0.44
N PHE A 40 -3.07 -14.64 -0.38
CA PHE A 40 -2.12 -13.55 -0.24
C PHE A 40 -2.37 -12.80 1.07
N GLU A 41 -1.28 -12.51 1.75
CA GLU A 41 -1.34 -12.10 3.14
C GLU A 41 -1.59 -10.61 3.34
N LYS A 42 -1.33 -9.76 2.35
CA LYS A 42 -1.53 -8.32 2.51
CA LYS A 42 -1.54 -8.32 2.51
C LYS A 42 -2.17 -7.78 1.25
N ILE A 43 -3.38 -7.22 1.38
CA ILE A 43 -4.17 -6.75 0.26
C ILE A 43 -4.48 -5.29 0.45
N LEU A 44 -4.23 -4.50 -0.58
CA LEU A 44 -4.65 -3.10 -0.64
C LEU A 44 -5.94 -3.04 -1.45
N VAL A 45 -7.04 -2.63 -0.82
CA VAL A 45 -8.30 -2.39 -1.52
C VAL A 45 -8.41 -0.90 -1.84
N SER A 46 -8.57 -0.60 -3.12
CA SER A 46 -8.46 0.76 -3.64
C SER A 46 -9.69 1.07 -4.48
N GLY A 47 -10.59 1.89 -3.94
CA GLY A 47 -11.70 2.40 -4.70
C GLY A 47 -11.70 3.92 -4.70
N PRO A 48 -12.43 4.52 -5.65
CA PRO A 48 -12.50 6.00 -5.67
C PRO A 48 -12.99 6.59 -4.37
N LYS A 49 -13.87 5.90 -3.67
CA LYS A 49 -14.41 6.33 -2.39
C LYS A 49 -14.03 5.30 -1.34
N THR A 50 -13.70 5.77 -0.13
CA THR A 50 -13.39 4.86 0.96
C THR A 50 -14.53 3.87 1.21
N GLU A 51 -15.77 4.28 0.99
CA GLU A 51 -16.90 3.36 1.19
CA GLU A 51 -16.90 3.36 1.19
C GLU A 51 -16.78 2.14 0.28
N GLU A 52 -16.30 2.33 -0.96
CA GLU A 52 -16.10 1.22 -1.88
C GLU A 52 -14.98 0.32 -1.40
N GLY A 53 -13.91 0.92 -0.88
CA GLY A 53 -12.84 0.13 -0.29
C GLY A 53 -13.32 -0.67 0.90
N ILE A 54 -14.20 -0.09 1.71
CA ILE A 54 -14.75 -0.79 2.87
C ILE A 54 -15.58 -2.01 2.43
N ALA A 55 -16.36 -1.87 1.35
CA ALA A 55 -17.08 -3.04 0.85
C ALA A 55 -16.12 -4.09 0.29
N MET A 56 -15.04 -3.67 -0.35
CA MET A 56 -14.05 -4.64 -0.81
C MET A 56 -13.38 -5.33 0.37
N ALA A 57 -13.11 -4.59 1.45
CA ALA A 57 -12.52 -5.18 2.63
C ALA A 57 -13.41 -6.28 3.19
N ALA A 58 -14.72 -6.06 3.19
CA ALA A 58 -15.62 -7.10 3.68
C ALA A 58 -15.53 -8.36 2.83
N ALA A 59 -15.46 -8.20 1.51
CA ALA A 59 -15.33 -9.36 0.63
C ALA A 59 -14.02 -10.08 0.88
N ALA A 60 -12.91 -9.33 1.02
CA ALA A 60 -11.63 -9.97 1.32
C ALA A 60 -11.67 -10.71 2.65
N LYS A 61 -12.22 -10.08 3.69
CA LYS A 61 -12.27 -10.73 5.00
C LYS A 61 -13.07 -12.02 4.95
N ALA A 62 -14.21 -12.02 4.26
CA ALA A 62 -15.05 -13.21 4.19
C ALA A 62 -14.34 -14.35 3.46
N ALA A 63 -13.45 -14.03 2.53
CA ALA A 63 -12.71 -15.02 1.77
C ALA A 63 -11.40 -15.41 2.43
N GLY A 64 -11.13 -14.90 3.63
CA GLY A 64 -10.01 -15.37 4.42
C GLY A 64 -8.82 -14.45 4.52
N ALA A 65 -8.95 -13.19 4.10
CA ALA A 65 -7.80 -12.30 4.11
C ALA A 65 -7.22 -12.18 5.52
N LYS A 66 -5.93 -11.86 5.58
CA LYS A 66 -5.23 -11.60 6.82
C LYS A 66 -5.16 -10.10 7.05
N ASN A 67 -4.26 -9.43 6.35
CA ASN A 67 -4.09 -7.99 6.45
C ASN A 67 -4.78 -7.33 5.26
N ILE A 68 -5.52 -6.25 5.57
CA ILE A 68 -6.27 -5.51 4.57
C ILE A 68 -6.01 -4.03 4.81
N ILE A 69 -5.54 -3.34 3.77
CA ILE A 69 -5.26 -1.91 3.81
C ILE A 69 -6.28 -1.22 2.90
N VAL A 70 -6.93 -0.16 3.38
CA VAL A 70 -7.93 0.57 2.62
C VAL A 70 -7.38 1.94 2.26
N THR A 71 -7.69 2.42 1.07
CA THR A 71 -7.29 3.77 0.68
C THR A 71 -8.24 4.83 1.25
N ALA A 72 -7.68 6.00 1.53
CA ALA A 72 -8.44 7.15 2.02
C ALA A 72 -7.70 8.41 1.61
N ARG A 73 -8.44 9.53 1.52
CA ARG A 73 -7.81 10.80 1.25
C ARG A 73 -8.03 11.83 2.34
N THR A 74 -8.75 11.49 3.41
CA THR A 74 -8.86 12.36 4.57
C THR A 74 -8.69 11.56 5.86
N ALA A 75 -8.36 12.26 6.94
CA ALA A 75 -8.26 11.58 8.24
C ALA A 75 -9.60 10.96 8.66
N GLU A 76 -10.71 11.65 8.38
CA GLU A 76 -12.03 11.11 8.74
C GLU A 76 -12.29 9.80 7.99
N GLU A 77 -12.01 9.77 6.69
CA GLU A 77 -12.15 8.52 5.94
C GLU A 77 -11.22 7.45 6.46
N ALA A 78 -9.99 7.82 6.82
CA ALA A 78 -9.07 6.86 7.40
C ALA A 78 -9.65 6.24 8.66
N LEU A 79 -10.21 7.05 9.55
CA LEU A 79 -10.82 6.53 10.78
C LEU A 79 -11.97 5.58 10.47
N ALA A 80 -12.83 5.93 9.51
CA ALA A 80 -13.93 5.03 9.15
C ALA A 80 -13.40 3.68 8.67
N ALA A 81 -12.35 3.68 7.85
CA ALA A 81 -11.76 2.44 7.39
C ALA A 81 -11.14 1.67 8.54
N LEU A 82 -10.34 2.34 9.37
CA LEU A 82 -9.64 1.65 10.45
C LEU A 82 -10.60 1.02 11.47
N ALA A 83 -11.80 1.59 11.62
CA ALA A 83 -12.83 1.06 12.51
C ALA A 83 -13.60 -0.10 11.89
N THR A 84 -13.38 -0.42 10.63
CA THR A 84 -14.12 -1.47 9.94
C THR A 84 -13.56 -2.85 10.30
N PRO A 85 -14.41 -3.83 10.62
CA PRO A 85 -13.89 -5.16 10.95
C PRO A 85 -12.97 -5.70 9.86
N GLY A 86 -11.83 -6.22 10.29
CA GLY A 86 -10.87 -6.85 9.41
C GLY A 86 -9.86 -5.92 8.77
N VAL A 87 -10.08 -4.61 8.82
CA VAL A 87 -9.12 -3.68 8.26
C VAL A 87 -7.96 -3.50 9.24
N THR A 88 -6.73 -3.60 8.72
CA THR A 88 -5.54 -3.53 9.53
C THR A 88 -4.68 -2.30 9.25
N GLY A 89 -4.97 -1.55 8.20
CA GLY A 89 -4.20 -0.35 7.90
C GLY A 89 -4.91 0.48 6.86
N VAL A 90 -4.38 1.68 6.67
CA VAL A 90 -4.89 2.64 5.68
C VAL A 90 -3.73 3.23 4.91
N LEU A 91 -3.95 3.44 3.61
CA LEU A 91 -3.08 4.18 2.71
C LEU A 91 -3.74 5.53 2.48
N LEU A 92 -3.15 6.55 3.07
CA LEU A 92 -3.73 7.88 3.10
C LEU A 92 -3.00 8.75 2.09
N THR A 93 -3.72 9.20 1.06
CA THR A 93 -3.19 10.14 0.09
C THR A 93 -3.51 11.54 0.59
N THR A 94 -2.48 12.32 0.87
CA THR A 94 -2.65 13.65 1.46
C THR A 94 -1.52 14.55 0.95
N THR A 95 -1.39 15.71 1.57
CA THR A 95 -0.37 16.67 1.22
C THR A 95 0.48 16.95 2.45
N ALA A 96 1.69 17.46 2.21
CA ALA A 96 2.56 17.76 3.34
C ALA A 96 1.89 18.77 4.28
N GLU A 97 1.17 19.73 3.70
CA GLU A 97 0.48 20.75 4.49
C GLU A 97 -0.46 20.12 5.51
N GLU A 98 -1.20 19.09 5.11
CA GLU A 98 -2.23 18.51 5.96
C GLU A 98 -1.71 17.37 6.83
N ALA A 99 -0.51 16.86 6.56
CA ALA A 99 -0.06 15.67 7.27
C ALA A 99 0.04 15.88 8.78
N PRO A 100 0.51 17.02 9.30
CA PRO A 100 0.55 17.17 10.77
C PRO A 100 -0.80 16.97 11.43
N ALA A 101 -1.85 17.60 10.89
CA ALA A 101 -3.17 17.46 11.47
C ALA A 101 -3.68 16.03 11.34
N ALA A 102 -3.44 15.40 10.19
CA ALA A 102 -3.92 14.04 10.01
C ALA A 102 -3.24 13.10 10.99
N LEU A 103 -1.93 13.27 11.15
CA LEU A 103 -1.17 12.44 12.09
C LEU A 103 -1.70 12.58 13.50
N ALA A 104 -1.93 13.83 13.93
CA ALA A 104 -2.41 14.07 15.28
C ALA A 104 -3.79 13.46 15.48
N THR A 105 -4.67 13.62 14.49
CA THR A 105 -6.03 13.08 14.61
C THR A 105 -6.02 11.56 14.74
N LEU A 106 -5.26 10.89 13.88
CA LEU A 106 -5.21 9.43 13.92
C LEU A 106 -4.60 8.95 15.24
N LYS A 107 -3.53 9.59 15.69
CA LYS A 107 -2.88 9.20 16.94
C LYS A 107 -3.85 9.32 18.11
N ALA A 108 -4.57 10.44 18.18
CA ALA A 108 -5.48 10.66 19.30
C ALA A 108 -6.58 9.61 19.35
N ALA A 109 -6.93 9.04 18.19
CA ALA A 109 -7.96 8.01 18.13
C ALA A 109 -7.40 6.62 18.37
N GLY A 110 -6.08 6.48 18.50
CA GLY A 110 -5.48 5.21 18.83
C GLY A 110 -4.97 4.42 17.66
N TYR A 111 -4.80 5.05 16.52
CA TYR A 111 -4.38 4.34 15.32
C TYR A 111 -3.01 4.83 14.87
N THR A 112 -2.16 3.87 14.54
CA THR A 112 -0.80 4.14 14.09
C THR A 112 -0.49 3.59 12.71
N ASN A 113 -1.24 2.60 12.21
CA ASN A 113 -0.85 1.89 10.99
C ASN A 113 -1.42 2.62 9.79
N VAL A 114 -0.88 3.81 9.57
CA VAL A 114 -1.27 4.64 8.45
C VAL A 114 -0.07 4.90 7.57
N ILE A 115 -0.19 4.49 6.33
CA ILE A 115 0.84 4.72 5.34
C ILE A 115 0.50 6.00 4.60
N PHE A 116 1.45 6.91 4.50
CA PHE A 116 1.24 8.19 3.83
C PHE A 116 1.78 8.13 2.41
N ARG A 117 1.04 8.69 1.47
CA ARG A 117 1.55 8.92 0.13
C ARG A 117 1.21 10.35 -0.29
N GLY A 118 2.01 10.88 -1.20
CA GLY A 118 1.85 12.25 -1.63
C GLY A 118 2.08 12.39 -3.11
N PRO A 119 1.90 13.62 -3.61
CA PRO A 119 1.99 13.83 -5.06
C PRO A 119 3.42 13.91 -5.58
N SER A 120 4.41 14.08 -4.72
CA SER A 120 5.79 14.23 -5.14
C SER A 120 6.68 13.58 -4.08
N ILE A 121 7.82 13.07 -4.53
CA ILE A 121 8.79 12.55 -3.55
C ILE A 121 9.17 13.63 -2.56
N GLU A 122 9.21 14.90 -3.01
CA GLU A 122 9.55 15.98 -2.09
C GLU A 122 8.51 16.12 -0.98
N GLU A 123 7.22 16.01 -1.31
CA GLU A 123 6.20 16.10 -0.27
C GLU A 123 6.25 14.90 0.66
N VAL A 124 6.59 13.73 0.15
CA VAL A 124 6.70 12.55 1.01
C VAL A 124 7.82 12.76 2.03
N LYS A 125 8.96 13.31 1.59
CA LYS A 125 10.04 13.62 2.52
C LYS A 125 9.59 14.60 3.60
N LYS A 126 8.76 15.59 3.22
CA LYS A 126 8.20 16.48 4.23
C LYS A 126 7.32 15.71 5.19
N MET A 127 6.55 14.73 4.69
CA MET A 127 5.68 13.96 5.56
C MET A 127 6.48 13.16 6.57
N ILE A 128 7.62 12.60 6.15
CA ILE A 128 8.49 11.87 7.07
C ILE A 128 8.99 12.80 8.18
N GLU A 129 9.42 14.00 7.80
CA GLU A 129 9.88 14.99 8.77
C GLU A 129 8.82 15.28 9.82
N TYR A 130 7.55 15.33 9.41
CA TYR A 130 6.45 15.60 10.33
C TYR A 130 6.08 14.41 11.19
N GLY A 131 6.58 13.22 10.89
CA GLY A 131 6.35 12.08 11.76
C GLY A 131 5.63 10.91 11.12
N ALA A 132 5.44 10.97 9.81
CA ALA A 132 4.94 9.82 9.07
C ALA A 132 5.93 8.68 9.23
N GLU A 133 5.48 7.57 9.79
CA GLU A 133 6.37 6.44 10.07
C GLU A 133 6.34 5.38 8.99
N LYS A 134 5.35 5.41 8.10
CA LYS A 134 5.26 4.51 6.95
C LYS A 134 4.88 5.35 5.75
N VAL A 135 5.56 5.15 4.63
CA VAL A 135 5.26 5.90 3.41
C VAL A 135 5.24 4.95 2.22
N LEU A 136 4.55 5.39 1.17
CA LEU A 136 4.53 4.73 -0.13
CA LEU A 136 4.55 4.73 -0.12
C LEU A 136 5.16 5.65 -1.15
N ILE A 137 6.12 5.16 -1.91
CA ILE A 137 6.80 5.89 -2.96
C ILE A 137 6.40 5.27 -4.28
N SER A 138 6.07 6.12 -5.26
CA SER A 138 5.75 5.65 -6.59
C SER A 138 6.23 6.68 -7.59
N SER A 139 6.49 6.21 -8.80
CA SER A 139 6.89 7.10 -9.89
C SER A 139 6.38 6.53 -11.20
N LYS A 140 6.34 7.38 -12.22
CA LYS A 140 5.85 6.96 -13.53
C LYS A 140 6.61 5.74 -14.04
N ASP A 141 7.93 5.69 -13.81
CA ASP A 141 8.78 4.65 -14.38
C ASP A 141 9.27 3.62 -13.35
N ASP A 142 8.85 3.73 -12.10
CA ASP A 142 9.29 2.87 -11.02
C ASP A 142 10.76 3.07 -10.65
N GLU A 143 11.63 3.27 -11.65
CA GLU A 143 13.05 3.42 -11.38
C GLU A 143 13.33 4.61 -10.46
N GLU A 144 12.63 5.71 -10.68
CA GLU A 144 12.77 6.89 -9.83
C GLU A 144 12.35 6.57 -8.40
N ALA A 145 11.25 5.83 -8.23
CA ALA A 145 10.79 5.48 -6.89
C ALA A 145 11.77 4.56 -6.19
N ILE A 146 12.32 3.58 -6.92
CA ILE A 146 13.29 2.67 -6.32
C ILE A 146 14.52 3.42 -5.83
N LYS A 147 14.98 4.39 -6.62
CA LYS A 147 16.16 5.15 -6.24
C LYS A 147 15.89 6.00 -5.00
N ALA A 148 14.74 6.67 -4.96
CA ALA A 148 14.41 7.48 -3.81
C ALA A 148 14.28 6.64 -2.54
N ALA A 149 13.65 5.47 -2.65
CA ALA A 149 13.52 4.60 -1.49
C ALA A 149 14.89 4.20 -0.95
N ALA A 150 15.80 3.81 -1.84
CA ALA A 150 17.14 3.41 -1.39
C ALA A 150 17.86 4.57 -0.71
N GLU A 151 17.74 5.78 -1.26
CA GLU A 151 18.35 6.97 -0.65
C GLU A 151 17.82 7.19 0.76
N LEU A 152 16.49 7.14 0.92
CA LEU A 152 15.91 7.34 2.24
C LEU A 152 16.30 6.22 3.19
N LYS A 153 16.31 4.98 2.72
CA LYS A 153 16.73 3.88 3.57
C LYS A 153 18.14 4.12 4.11
N ALA A 154 19.04 4.62 3.25
CA ALA A 154 20.40 4.91 3.70
C ALA A 154 20.47 6.13 4.63
N LYS A 155 19.44 6.97 4.62
CA LYS A 155 19.32 8.08 5.57
C LYS A 155 18.63 7.65 6.85
N GLY A 156 18.34 6.36 7.01
CA GLY A 156 17.77 5.81 8.21
C GLY A 156 16.27 5.63 8.21
N VAL A 157 15.61 5.96 7.11
CA VAL A 157 14.15 5.85 7.06
C VAL A 157 13.76 4.38 6.94
N LYS A 158 12.82 3.95 7.77
CA LYS A 158 12.31 2.58 7.79
C LYS A 158 10.90 2.57 7.21
N ASN A 159 10.39 1.37 6.95
CA ASN A 159 9.00 1.19 6.49
C ASN A 159 8.67 2.04 5.26
N ILE A 160 9.41 1.79 4.20
CA ILE A 160 9.14 2.37 2.89
C ILE A 160 8.49 1.30 2.01
N ILE A 161 7.32 1.59 1.48
CA ILE A 161 6.66 0.73 0.50
C ILE A 161 6.90 1.33 -0.87
N VAL A 162 7.25 0.49 -1.84
CA VAL A 162 7.51 0.93 -3.19
C VAL A 162 6.46 0.32 -4.12
N ALA A 163 5.76 1.17 -4.88
CA ALA A 163 4.79 0.72 -5.87
C ALA A 163 5.53 0.32 -7.15
N THR A 164 5.12 -0.82 -7.72
CA THR A 164 5.77 -1.35 -8.90
C THR A 164 4.71 -1.82 -9.91
N ARG A 165 5.07 -1.73 -11.19
CA ARG A 165 4.16 -2.00 -12.28
C ARG A 165 4.60 -3.14 -13.19
N ASP A 166 5.70 -3.81 -12.88
CA ASP A 166 6.10 -5.02 -13.60
C ASP A 166 7.07 -5.80 -12.73
N ILE A 167 7.32 -7.05 -13.12
CA ILE A 167 8.06 -7.94 -12.23
C ILE A 167 9.53 -7.53 -12.13
N GLU A 168 10.10 -6.96 -13.20
CA GLU A 168 11.50 -6.51 -13.11
C GLU A 168 11.64 -5.40 -12.09
N ALA A 169 10.71 -4.44 -12.07
CA ALA A 169 10.74 -3.38 -11.06
C ALA A 169 10.49 -3.94 -9.66
N ALA A 170 9.57 -4.89 -9.52
CA ALA A 170 9.35 -5.51 -8.23
C ALA A 170 10.63 -6.14 -7.69
N LYS A 171 11.34 -6.87 -8.53
CA LYS A 171 12.59 -7.48 -8.08
C LYS A 171 13.61 -6.41 -7.72
N LYS A 172 13.73 -5.35 -8.53
CA LYS A 172 14.69 -4.31 -8.18
C LYS A 172 14.32 -3.63 -6.87
N ALA A 173 13.04 -3.38 -6.65
CA ALA A 173 12.62 -2.75 -5.39
C ALA A 173 12.96 -3.63 -4.20
N TYR A 174 12.69 -4.94 -4.32
CA TYR A 174 13.07 -5.87 -3.27
C TYR A 174 14.57 -5.82 -3.01
N GLU A 175 15.38 -5.87 -4.08
CA GLU A 175 16.83 -5.93 -3.93
C GLU A 175 17.39 -4.66 -3.31
N ALA A 176 16.74 -3.53 -3.54
CA ALA A 176 17.12 -2.25 -2.96
C ALA A 176 16.67 -2.10 -1.52
N GLY A 177 15.95 -3.06 -0.98
CA GLY A 177 15.60 -3.04 0.42
C GLY A 177 14.26 -2.43 0.76
N ALA A 178 13.35 -2.30 -0.20
CA ALA A 178 12.01 -1.84 0.14
C ALA A 178 11.44 -2.67 1.28
N SER A 179 10.77 -2.01 2.22
CA SER A 179 10.13 -2.77 3.30
C SER A 179 9.04 -3.68 2.75
N SER A 180 8.23 -3.16 1.85
CA SER A 180 7.25 -3.95 1.12
C SER A 180 7.17 -3.42 -0.31
N ILE A 181 6.69 -4.28 -1.19
CA ILE A 181 6.53 -3.97 -2.61
C ILE A 181 5.06 -4.08 -2.95
N LEU A 182 4.47 -3.00 -3.45
CA LEU A 182 3.08 -2.99 -3.86
C LEU A 182 2.99 -3.34 -5.33
N LEU A 183 2.15 -4.32 -5.66
CA LEU A 183 1.92 -4.75 -7.03
C LEU A 183 0.62 -4.10 -7.51
N VAL A 184 0.76 -3.16 -8.44
CA VAL A 184 -0.36 -2.35 -8.91
C VAL A 184 -1.00 -3.01 -10.14
N PRO A 185 -2.32 -3.16 -10.18
CA PRO A 185 -2.92 -4.00 -11.25
C PRO A 185 -2.88 -3.38 -12.63
N ASP A 186 -2.77 -2.06 -12.75
CA ASP A 186 -2.69 -1.44 -14.07
C ASP A 186 -1.32 -1.56 -14.70
N GLY A 187 -0.41 -2.32 -14.10
CA GLY A 187 0.90 -2.57 -14.67
C GLY A 187 0.89 -3.63 -15.76
N SER A 188 2.08 -4.12 -16.08
CA SER A 188 2.34 -5.07 -17.15
C SER A 188 2.87 -6.35 -16.50
N TRP A 189 1.97 -7.30 -16.26
CA TRP A 189 2.32 -8.51 -15.55
C TRP A 189 2.24 -9.76 -16.41
N GLY A 190 1.45 -9.69 -17.48
CL CL B . 1.55 -13.31 0.30
CL CL C . -8.42 -19.28 -5.05
#